data_1NY2
#
_entry.id   1NY2
#
_cell.length_a   79.15
_cell.length_b   104.97
_cell.length_c   45.18
_cell.angle_alpha   90
_cell.angle_beta   90
_cell.angle_gamma   90
#
_symmetry.space_group_name_H-M   'P 21 21 2'
#
loop_
_entity.id
_entity.type
_entity.pdbx_description
1 polymer 'thrombin light chain'
2 polymer 'thrombin Heavy chain'
3 polymer Hirugen
4 polymer 'Inhibitor peptide RPPGF'
5 water water
#
loop_
_entity_poly.entity_id
_entity_poly.type
_entity_poly.pdbx_seq_one_letter_code
_entity_poly.pdbx_strand_id
1 'polypeptide(L)' TFGSGEADCGLRPLFEKKSLEDKTERELLESYIDGR 1
2 'polypeptide(L)'
;IVEGSDAEIGMSPWQVMLFRKSPQELLCGASLISDRWVLTAAHCLLYPPWDKNFTENDLLVRIGKHSRTRYERNIEKISM
LEKIYIHPRYNWRENLDRDIALMKLKKPVAFSDYIHPVCLPDRETAASLLQAGYKGRVTGWGNLKETWTANVGKGQPSVL
QVVNLPIVERPVCKDSTRIRITDNMFCAGYKPDEGKRGDACEGDSGGPFVMKSPFNNRWYQMGIVSWGEGCDRDGKYGFY
THVFRLKKWIQKVIDQFGE
;
2
3 'polypeptide(L)' DFEEIPEE(TYS)L 3
4 'polypeptide(L)' RPPGF 4
#
# COMPACT_ATOMS: atom_id res chain seq x y z
N THR A 1 -12.39 -4.01 7.60
CA THR A 1 -12.94 -5.38 7.66
C THR A 1 -13.74 -5.53 6.34
N PHE A 2 -14.67 -4.58 6.19
CA PHE A 2 -15.52 -4.71 4.99
C PHE A 2 -15.92 -3.36 4.40
N GLY A 3 -17.02 -3.50 3.69
CA GLY A 3 -17.68 -2.32 3.03
C GLY A 3 -17.55 -1.33 4.22
N SER A 4 -16.56 -0.47 3.97
CA SER A 4 -16.09 0.45 5.05
C SER A 4 -15.64 -0.45 6.25
N GLY A 5 -14.55 -1.19 6.12
CA GLY A 5 -14.06 -2.03 7.20
C GLY A 5 -14.46 -1.77 8.66
N GLU A 6 -13.46 -1.40 9.47
CA GLU A 6 -13.47 -1.15 10.93
C GLU A 6 -14.83 -0.61 11.38
N ALA A 7 -14.95 0.66 11.68
CA ALA A 7 -16.09 1.41 12.14
C ALA A 7 -15.86 2.92 12.19
N ASP A 8 -14.66 3.23 12.59
CA ASP A 8 -14.07 4.59 12.64
C ASP A 8 -12.84 4.51 11.69
N CYS A 9 -13.11 3.66 10.69
CA CYS A 9 -12.07 3.44 9.67
C CYS A 9 -11.74 4.82 9.03
N GLY A 10 -10.54 4.84 8.47
CA GLY A 10 -9.93 5.92 7.78
C GLY A 10 -10.18 7.36 8.18
N LEU A 11 -10.20 7.58 9.50
CA LEU A 11 -10.39 8.89 10.17
C LEU A 11 -9.10 8.96 11.00
N ARG A 12 -8.19 9.70 10.38
CA ARG A 12 -6.85 9.86 10.95
C ARG A 12 -6.97 10.83 12.13
N PRO A 13 -6.43 10.36 13.26
CA PRO A 13 -6.42 11.15 14.50
C PRO A 13 -5.81 12.54 14.33
N LEU A 14 -4.53 12.56 14.10
CA LEU A 14 -3.78 13.81 13.88
C LEU A 14 -4.41 14.68 12.80
N PHE A 15 -5.38 14.14 12.08
CA PHE A 15 -5.90 14.93 10.94
C PHE A 15 -7.39 15.12 11.11
N GLU A 16 -8.08 14.18 10.45
CA GLU A 16 -9.55 14.22 10.45
C GLU A 16 -10.05 14.38 11.88
N LYS A 17 -9.62 13.42 12.72
CA LYS A 17 -10.11 13.48 14.12
C LYS A 17 -9.76 14.81 14.75
N LYS A 18 -8.72 15.46 14.22
CA LYS A 18 -8.26 16.76 14.66
C LYS A 18 -8.54 17.96 13.79
N SER A 19 -9.19 17.73 12.66
CA SER A 19 -9.57 18.76 11.71
C SER A 19 -8.31 19.49 11.17
N LEU A 20 -7.24 18.72 11.05
CA LEU A 20 -5.98 19.22 10.44
C LEU A 20 -5.85 18.55 9.10
N GLU A 21 -5.42 19.26 8.11
CA GLU A 21 -5.36 18.80 6.70
C GLU A 21 -3.84 18.71 6.49
N ASP A 22 -3.42 17.75 5.71
CA ASP A 22 -2.02 17.47 5.46
C ASP A 22 -1.64 18.35 4.26
N LYS A 23 -0.36 18.46 4.06
CA LYS A 23 0.28 19.23 3.00
C LYS A 23 -0.29 18.98 1.62
N THR A 24 -0.60 17.71 1.35
CA THR A 24 -1.03 17.27 0.04
C THR A 24 -2.40 16.64 -0.10
N GLU A 25 -3.34 17.03 0.72
CA GLU A 25 -4.70 16.55 0.76
C GLU A 25 -5.65 17.14 -0.29
N ARG A 26 -5.56 18.46 -0.39
CA ARG A 26 -6.43 19.21 -1.29
C ARG A 26 -6.17 18.87 -2.74
N GLU A 27 -4.93 18.59 -3.02
CA GLU A 27 -4.40 18.19 -4.33
C GLU A 27 -5.21 17.07 -5.01
N LEU A 28 -5.63 16.14 -4.17
CA LEU A 28 -6.41 14.96 -4.40
C LEU A 28 -7.89 15.32 -4.71
N LEU A 29 -8.31 16.20 -3.82
CA LEU A 29 -9.64 16.78 -3.78
C LEU A 29 -9.81 17.53 -5.08
N GLU A 30 -8.95 18.48 -5.34
CA GLU A 30 -9.05 19.15 -6.67
C GLU A 30 -9.21 18.24 -7.87
N SER A 31 -8.64 17.05 -7.88
CA SER A 31 -8.71 16.08 -8.98
C SER A 31 -10.15 15.53 -9.16
N TYR A 32 -10.92 15.60 -8.08
CA TYR A 32 -12.28 15.07 -8.11
C TYR A 32 -13.08 16.14 -8.83
N ILE A 33 -12.40 16.71 -9.79
CA ILE A 33 -13.07 17.71 -10.66
C ILE A 33 -12.65 19.14 -10.39
N ASP A 34 -13.03 19.55 -9.19
CA ASP A 34 -12.80 20.88 -8.66
C ASP A 34 -13.17 21.21 -7.22
N GLY A 35 -12.45 22.23 -6.71
CA GLY A 35 -12.67 22.80 -5.38
C GLY A 35 -13.80 23.85 -5.31
N ARG A 36 -14.89 23.51 -5.98
CA ARG A 36 -16.17 24.21 -6.09
C ARG A 36 -17.31 23.27 -5.58
N ILE B 1 9.51 4.35 -3.17
CA ILE B 1 8.69 5.42 -3.73
C ILE B 1 9.59 6.50 -4.38
N VAL B 2 9.43 6.68 -5.68
CA VAL B 2 10.06 7.71 -6.46
C VAL B 2 9.31 9.03 -6.59
N GLU B 3 10.06 10.15 -6.53
CA GLU B 3 9.52 11.50 -6.75
C GLU B 3 8.30 11.92 -5.93
N GLY B 4 8.26 11.36 -4.75
CA GLY B 4 7.41 11.56 -3.62
C GLY B 4 8.06 12.61 -2.65
N SER B 5 7.55 12.54 -1.42
CA SER B 5 8.02 13.48 -0.36
C SER B 5 7.98 12.79 0.97
N ASP B 6 8.67 13.21 2.02
CA ASP B 6 8.54 12.42 3.27
C ASP B 6 7.09 12.61 3.71
N ALA B 7 6.55 11.57 4.29
CA ALA B 7 5.19 11.59 4.86
C ALA B 7 5.18 12.55 6.03
N GLU B 8 4.05 12.79 6.61
CA GLU B 8 3.80 13.62 7.79
C GLU B 8 3.46 12.67 8.95
N ILE B 9 3.62 13.19 10.17
CA ILE B 9 3.26 12.35 11.34
C ILE B 9 1.73 12.11 11.28
N GLY B 10 1.42 10.82 11.40
CA GLY B 10 0.06 10.29 11.40
C GLY B 10 -0.65 10.62 10.09
N MET B 11 0.13 10.82 9.04
CA MET B 11 -0.44 11.14 7.71
C MET B 11 -1.15 9.94 7.06
N SER B 12 -0.76 8.72 7.42
CA SER B 12 -1.12 7.37 7.10
C SER B 12 -1.10 6.35 8.27
N PRO B 13 -2.02 6.44 9.21
CA PRO B 13 -2.12 5.54 10.33
C PRO B 13 -2.12 4.05 10.07
N TRP B 14 -2.51 3.50 8.97
CA TRP B 14 -2.65 2.15 8.48
C TRP B 14 -1.41 1.54 7.84
N GLN B 15 -0.38 2.34 7.53
CA GLN B 15 0.80 1.79 6.91
C GLN B 15 1.37 0.67 7.82
N VAL B 16 1.81 -0.36 7.12
CA VAL B 16 2.39 -1.48 7.90
C VAL B 16 3.72 -1.88 7.33
N MET B 17 4.72 -2.14 8.15
CA MET B 17 6.05 -2.56 7.68
C MET B 17 6.12 -4.10 7.79
N LEU B 18 6.45 -4.68 6.67
CA LEU B 18 6.69 -6.13 6.54
C LEU B 18 8.24 -6.27 6.65
N PHE B 19 8.47 -6.66 7.89
CA PHE B 19 9.88 -6.77 8.36
C PHE B 19 10.29 -8.21 8.40
N ARG B 20 11.48 -8.45 7.86
CA ARG B 20 12.02 -9.80 7.80
C ARG B 20 12.84 -10.11 9.05
N LYS B 21 12.36 -11.04 9.87
CA LYS B 21 13.07 -11.45 11.05
C LYS B 21 14.59 -11.55 10.87
N SER B 22 15.01 -12.17 9.82
CA SER B 22 16.37 -12.46 9.42
C SER B 22 16.47 -13.09 8.01
N PRO B 23 17.34 -12.52 7.18
CA PRO B 23 18.08 -11.30 7.54
C PRO B 23 17.01 -10.27 7.92
N GLN B 24 17.50 -9.50 8.90
CA GLN B 24 16.65 -8.36 9.38
C GLN B 24 16.32 -7.51 8.14
N GLU B 25 15.07 -7.41 7.67
CA GLU B 25 14.82 -6.61 6.45
C GLU B 25 13.43 -6.19 6.11
N LEU B 26 13.24 -5.18 5.23
CA LEU B 26 11.89 -4.68 4.83
C LEU B 26 11.39 -5.67 3.78
N LEU B 27 10.25 -6.26 4.00
CA LEU B 27 9.82 -7.17 2.89
C LEU B 27 8.98 -6.42 1.88
N CYS B 28 8.00 -5.71 2.39
CA CYS B 28 7.08 -4.93 1.52
C CYS B 28 6.38 -3.96 2.51
N GLY B 29 5.38 -3.39 1.87
CA GLY B 29 4.37 -2.51 2.52
C GLY B 29 3.20 -3.42 2.85
N ALA B 30 2.28 -2.90 3.63
CA ALA B 30 1.06 -3.64 4.05
C ALA B 30 0.09 -2.59 4.59
N SER B 31 -1.12 -2.95 4.98
CA SER B 31 -2.09 -1.94 5.50
C SER B 31 -2.96 -2.62 6.56
N LEU B 32 -3.22 -1.85 7.58
CA LEU B 32 -4.01 -2.17 8.79
C LEU B 32 -5.49 -1.88 8.39
N ILE B 33 -6.22 -2.98 8.38
CA ILE B 33 -7.65 -2.87 8.02
C ILE B 33 -8.46 -3.19 9.26
N SER B 34 -7.75 -3.66 10.27
CA SER B 34 -8.49 -4.04 11.57
C SER B 34 -7.51 -3.90 12.71
N ASP B 35 -7.82 -4.35 13.91
CA ASP B 35 -6.95 -4.39 15.09
C ASP B 35 -6.08 -5.68 14.95
N ARG B 36 -6.58 -6.56 14.08
CA ARG B 36 -6.07 -7.88 13.83
C ARG B 36 -5.80 -8.29 12.41
N TRP B 37 -6.42 -7.67 11.41
CA TRP B 37 -6.22 -7.95 9.97
C TRP B 37 -5.33 -6.92 9.26
N VAL B 38 -4.43 -7.53 8.47
CA VAL B 38 -3.47 -6.78 7.64
C VAL B 38 -3.47 -7.26 6.17
N LEU B 39 -3.70 -6.34 5.27
CA LEU B 39 -3.68 -6.40 3.86
C LEU B 39 -2.26 -6.28 3.29
N THR B 40 -2.00 -7.19 2.38
CA THR B 40 -0.68 -7.07 1.71
C THR B 40 -0.88 -7.56 0.27
N ALA B 41 0.03 -7.28 -0.64
CA ALA B 41 0.07 -7.90 -1.96
C ALA B 41 0.46 -9.37 -1.75
N ALA B 42 -0.23 -10.36 -2.31
CA ALA B 42 0.17 -11.80 -2.20
C ALA B 42 1.66 -12.14 -2.44
N HIS B 43 2.25 -11.57 -3.48
CA HIS B 43 3.61 -11.74 -3.93
C HIS B 43 4.74 -11.32 -2.99
N CYS B 44 4.43 -10.75 -1.85
CA CYS B 44 5.37 -10.30 -0.81
C CYS B 44 5.71 -11.51 0.08
N LEU B 45 4.86 -12.49 -0.19
CA LEU B 45 4.76 -13.74 0.56
C LEU B 45 5.14 -14.99 -0.23
N LEU B 46 4.75 -14.94 -1.49
CA LEU B 46 4.94 -15.97 -2.47
C LEU B 46 5.30 -15.53 -3.88
N TYR B 47 6.55 -15.77 -4.23
CA TYR B 47 7.06 -15.50 -5.56
C TYR B 47 8.15 -16.50 -5.96
N PRO B 48 7.72 -17.64 -6.51
CA PRO B 48 8.59 -18.73 -6.97
C PRO B 48 9.86 -18.29 -7.68
N PRO B 49 9.69 -17.38 -8.63
CA PRO B 49 10.86 -16.91 -9.39
C PRO B 49 11.90 -16.29 -8.47
N TRP B 50 11.50 -15.70 -7.36
CA TRP B 50 12.60 -15.11 -6.51
C TRP B 50 12.72 -16.13 -5.40
N ASP B 51 11.86 -17.12 -5.64
CA ASP B 51 11.81 -18.17 -4.59
C ASP B 51 11.43 -17.47 -3.28
N LYS B 52 10.22 -16.93 -3.31
CA LYS B 52 9.66 -16.34 -2.07
C LYS B 52 8.64 -17.29 -1.47
N ASN B 53 8.77 -17.60 -0.19
CA ASN B 53 7.73 -18.51 0.34
C ASN B 53 7.98 -18.60 1.84
N PHE B 54 7.62 -17.46 2.37
CA PHE B 54 7.70 -17.19 3.80
C PHE B 54 6.69 -17.86 4.69
N THR B 55 7.14 -18.44 5.79
CA THR B 55 6.12 -18.94 6.78
C THR B 55 5.88 -17.77 7.74
N GLU B 56 4.67 -17.73 8.19
CA GLU B 56 4.23 -16.70 9.14
C GLU B 56 5.36 -16.51 10.12
N ASN B 57 6.04 -17.58 10.48
CA ASN B 57 7.11 -17.55 11.48
C ASN B 57 8.24 -16.55 11.23
N ASP B 58 8.56 -16.39 9.97
CA ASP B 58 9.57 -15.60 9.34
C ASP B 58 9.40 -14.07 9.36
N LEU B 59 8.20 -13.62 9.59
CA LEU B 59 7.89 -12.17 9.52
C LEU B 59 7.31 -11.61 10.81
N LEU B 60 7.48 -10.28 10.87
CA LEU B 60 6.90 -9.45 11.94
C LEU B 60 6.28 -8.26 11.07
N VAL B 61 5.29 -7.68 11.68
CA VAL B 61 4.56 -6.54 11.05
C VAL B 61 4.87 -5.36 11.99
N ARG B 62 5.26 -4.25 11.39
CA ARG B 62 5.62 -3.05 12.14
C ARG B 62 4.70 -1.93 11.68
N ILE B 63 3.79 -1.57 12.53
CA ILE B 63 2.80 -0.51 12.38
C ILE B 63 3.14 0.79 13.13
N GLY B 64 2.94 1.97 12.53
CA GLY B 64 3.12 3.25 13.28
C GLY B 64 4.54 3.84 13.34
N LYS B 65 5.25 3.47 12.31
CA LYS B 65 6.61 3.73 11.99
C LYS B 65 6.63 4.91 10.99
N HIS B 66 7.55 5.80 11.25
CA HIS B 66 7.77 6.96 10.39
C HIS B 66 9.14 6.68 9.79
N SER B 67 10.02 6.27 10.69
CA SER B 67 11.41 5.94 10.22
C SER B 67 11.44 4.53 9.67
N ARG B 68 12.27 4.42 8.64
CA ARG B 68 12.46 3.13 7.93
C ARG B 68 13.36 2.24 8.78
N THR B 69 14.51 2.74 9.06
CA THR B 69 15.65 2.25 9.81
C THR B 69 15.53 2.17 11.31
N ARG B 70 15.25 3.32 12.00
CA ARG B 70 15.04 3.27 13.45
C ARG B 70 13.96 2.24 13.82
N TYR B 71 14.14 1.86 15.04
CA TYR B 71 13.19 1.02 15.79
C TYR B 71 12.64 2.09 16.79
N GLU B 72 11.50 2.63 16.58
CA GLU B 72 10.73 3.66 17.21
C GLU B 72 9.98 3.25 18.45
N ARG B 73 10.72 3.09 19.51
CA ARG B 73 10.43 2.58 20.81
C ARG B 73 8.95 2.64 21.16
N ASN B 74 8.62 3.94 21.39
CA ASN B 74 7.29 4.21 21.95
C ASN B 74 6.18 4.62 21.04
N ILE B 75 6.36 4.65 19.72
CA ILE B 75 5.34 4.94 18.71
C ILE B 75 4.92 3.77 17.82
N GLU B 76 5.87 2.95 17.43
CA GLU B 76 5.70 1.75 16.66
C GLU B 76 5.46 0.49 17.54
N LYS B 77 4.71 -0.41 16.93
CA LYS B 77 4.12 -1.65 17.33
C LYS B 77 4.50 -2.83 16.42
N ILE B 78 5.32 -3.73 16.98
CA ILE B 78 5.78 -4.89 16.23
C ILE B 78 4.98 -6.14 16.61
N SER B 79 4.33 -6.65 15.55
CA SER B 79 3.49 -7.82 15.51
C SER B 79 3.98 -9.10 14.83
N MET B 80 3.34 -10.17 15.36
CA MET B 80 3.47 -11.56 14.98
C MET B 80 2.19 -12.08 14.25
N LEU B 81 2.53 -12.67 13.09
CA LEU B 81 1.60 -13.25 12.18
C LEU B 81 1.15 -14.58 12.82
N GLU B 82 -0.16 -14.65 12.91
CA GLU B 82 -0.91 -15.78 13.39
C GLU B 82 -1.19 -16.74 12.22
N LYS B 83 -1.66 -16.21 11.12
CA LYS B 83 -1.97 -16.86 9.85
C LYS B 83 -2.06 -15.89 8.65
N ILE B 84 -1.37 -16.31 7.61
CA ILE B 84 -1.29 -15.69 6.29
C ILE B 84 -2.41 -16.31 5.43
N TYR B 85 -3.03 -15.41 4.64
CA TYR B 85 -4.08 -15.78 3.69
C TYR B 85 -3.91 -15.23 2.29
N ILE B 86 -3.49 -16.15 1.42
CA ILE B 86 -3.32 -15.87 0.01
C ILE B 86 -4.51 -16.16 -0.90
N HIS B 87 -4.62 -15.17 -1.83
CA HIS B 87 -5.65 -15.29 -2.85
C HIS B 87 -5.44 -16.70 -3.48
N PRO B 88 -6.53 -17.42 -3.56
CA PRO B 88 -6.61 -18.74 -4.23
C PRO B 88 -6.48 -18.66 -5.75
N ARG B 89 -6.78 -17.54 -6.39
CA ARG B 89 -6.69 -17.38 -7.85
C ARG B 89 -5.54 -16.48 -8.28
N TYR B 90 -4.65 -16.22 -7.34
CA TYR B 90 -3.39 -15.41 -7.43
C TYR B 90 -2.57 -16.05 -8.53
N ASN B 91 -2.12 -15.32 -9.55
CA ASN B 91 -1.34 -15.97 -10.57
C ASN B 91 0.00 -15.26 -10.58
N TRP B 92 0.88 -15.85 -9.81
CA TRP B 92 2.24 -15.27 -9.85
C TRP B 92 2.84 -15.47 -11.25
N ARG B 93 2.84 -16.73 -11.62
CA ARG B 93 3.33 -17.35 -12.83
C ARG B 93 2.87 -16.60 -14.05
N GLU B 94 2.23 -15.42 -13.92
CA GLU B 94 1.82 -14.74 -15.15
C GLU B 94 1.96 -13.26 -15.19
N ASN B 95 1.05 -12.54 -14.60
CA ASN B 95 1.03 -11.04 -14.69
C ASN B 95 0.66 -10.56 -13.26
N LEU B 96 0.84 -11.44 -12.30
CA LEU B 96 0.44 -11.40 -10.93
C LEU B 96 -1.08 -11.20 -10.86
N ASP B 97 -1.90 -12.11 -11.38
CA ASP B 97 -3.38 -11.92 -11.34
C ASP B 97 -3.92 -12.28 -9.97
N ARG B 98 -4.48 -11.27 -9.35
CA ARG B 98 -5.00 -11.23 -8.00
C ARG B 98 -3.88 -11.36 -6.97
N ASP B 99 -3.18 -10.24 -6.95
CA ASP B 99 -2.04 -9.95 -6.04
C ASP B 99 -2.44 -9.42 -4.66
N ILE B 100 -2.97 -10.31 -3.84
CA ILE B 100 -3.59 -10.02 -2.54
C ILE B 100 -3.41 -11.16 -1.58
N ALA B 101 -2.99 -10.74 -0.41
CA ALA B 101 -2.59 -11.58 0.73
C ALA B 101 -3.22 -10.92 1.95
N LEU B 102 -3.64 -11.73 2.88
CA LEU B 102 -4.19 -11.25 4.16
C LEU B 102 -3.28 -11.94 5.21
N MET B 103 -3.15 -11.23 6.30
CA MET B 103 -2.44 -11.81 7.47
C MET B 103 -3.28 -11.49 8.72
N LYS B 104 -3.45 -12.50 9.55
CA LYS B 104 -4.08 -12.36 10.86
C LYS B 104 -2.91 -12.30 11.91
N LEU B 105 -3.01 -11.29 12.76
CA LEU B 105 -2.08 -11.00 13.83
C LEU B 105 -2.40 -11.83 15.06
N LYS B 106 -1.43 -12.52 15.60
CA LYS B 106 -1.69 -13.33 16.78
C LYS B 106 -2.61 -12.66 17.76
N LYS B 107 -2.37 -11.34 17.89
CA LYS B 107 -3.10 -10.52 18.89
C LYS B 107 -3.47 -9.17 18.28
N PRO B 108 -4.45 -8.54 18.95
CA PRO B 108 -4.90 -7.18 18.60
C PRO B 108 -3.91 -6.06 18.98
N VAL B 109 -3.70 -5.26 17.93
CA VAL B 109 -2.89 -4.08 17.88
C VAL B 109 -3.88 -2.93 18.37
N ALA B 110 -3.21 -2.10 19.15
CA ALA B 110 -3.54 -0.92 19.87
C ALA B 110 -3.47 0.32 18.95
N PHE B 111 -4.61 1.00 18.97
CA PHE B 111 -4.72 2.22 18.15
C PHE B 111 -4.02 3.30 19.00
N SER B 112 -3.47 4.19 18.27
CA SER B 112 -2.67 5.31 18.72
C SER B 112 -2.75 6.37 17.58
N ASP B 113 -2.05 7.46 17.77
CA ASP B 113 -2.06 8.60 16.85
C ASP B 113 -1.47 8.17 15.49
N TYR B 114 -0.73 7.09 15.63
CA TYR B 114 0.06 6.48 14.55
C TYR B 114 -0.44 5.19 13.91
N ILE B 115 -1.38 4.53 14.52
CA ILE B 115 -2.03 3.28 14.38
C ILE B 115 -3.56 3.51 14.46
N HIS B 116 -4.07 3.10 13.29
CA HIS B 116 -5.47 3.19 12.90
C HIS B 116 -5.63 2.57 11.50
N PRO B 117 -6.72 1.79 11.33
CA PRO B 117 -7.06 1.15 10.05
C PRO B 117 -7.70 2.07 9.03
N VAL B 118 -7.54 1.73 7.77
CA VAL B 118 -8.12 2.48 6.62
C VAL B 118 -9.50 1.81 6.37
N CYS B 119 -10.26 2.34 5.41
CA CYS B 119 -11.50 1.68 4.98
C CYS B 119 -11.27 0.92 3.66
N LEU B 120 -12.18 -0.05 3.52
CA LEU B 120 -12.34 -0.85 2.30
C LEU B 120 -13.60 -0.16 1.66
N PRO B 121 -13.33 0.04 0.38
CA PRO B 121 -14.25 0.71 -0.55
C PRO B 121 -15.53 -0.10 -0.78
N ASP B 122 -16.65 0.59 -0.83
CA ASP B 122 -18.00 -0.02 -1.05
C ASP B 122 -18.27 0.16 -2.54
N ARG B 123 -19.17 -0.52 -3.15
CA ARG B 123 -19.42 -0.50 -4.60
C ARG B 123 -19.63 0.89 -5.17
N GLU B 124 -20.18 1.67 -4.27
CA GLU B 124 -20.47 3.09 -4.61
C GLU B 124 -19.25 3.93 -4.26
N THR B 125 -18.52 3.63 -3.19
CA THR B 125 -17.28 4.47 -2.99
C THR B 125 -16.36 4.37 -4.21
N ALA B 126 -16.17 3.12 -4.61
CA ALA B 126 -15.42 2.75 -5.81
C ALA B 126 -15.88 3.38 -7.09
N ALA B 127 -17.11 3.25 -7.54
CA ALA B 127 -17.73 3.76 -8.78
C ALA B 127 -17.36 5.23 -9.04
N SER B 128 -17.71 6.07 -8.11
CA SER B 128 -17.33 7.47 -8.00
C SER B 128 -15.81 7.74 -7.81
N LEU B 129 -15.11 7.06 -6.94
CA LEU B 129 -13.71 7.43 -6.66
C LEU B 129 -12.71 6.93 -7.69
N LEU B 130 -12.80 5.67 -7.99
CA LEU B 130 -11.91 5.00 -8.96
C LEU B 130 -12.27 5.52 -10.36
N GLN B 131 -11.79 6.75 -10.60
CA GLN B 131 -12.04 7.37 -11.89
C GLN B 131 -10.74 7.96 -12.41
N ALA B 132 -10.56 7.86 -13.71
CA ALA B 132 -9.39 8.42 -14.43
C ALA B 132 -9.32 9.91 -14.10
N GLY B 133 -8.18 10.36 -13.64
CA GLY B 133 -7.95 11.79 -13.30
C GLY B 133 -7.78 11.95 -11.80
N TYR B 134 -8.44 11.08 -11.08
CA TYR B 134 -8.43 11.07 -9.65
C TYR B 134 -7.14 10.42 -9.14
N LYS B 135 -6.67 11.14 -8.15
CA LYS B 135 -5.46 10.96 -7.41
C LYS B 135 -5.67 10.15 -6.13
N GLY B 136 -4.78 9.19 -6.00
CA GLY B 136 -4.44 8.22 -5.01
C GLY B 136 -3.12 8.75 -4.35
N ARG B 137 -2.87 8.11 -3.25
CA ARG B 137 -1.74 8.35 -2.37
C ARG B 137 -1.07 7.02 -2.16
N VAL B 138 0.18 7.03 -2.66
CA VAL B 138 1.00 5.80 -2.52
C VAL B 138 2.06 6.06 -1.45
N THR B 139 2.06 5.15 -0.45
CA THR B 139 2.99 5.20 0.63
C THR B 139 3.78 3.92 0.76
N GLY B 140 5.04 4.09 1.16
CA GLY B 140 6.01 3.06 1.35
C GLY B 140 7.42 3.62 1.59
N TRP B 141 8.28 2.66 1.95
CA TRP B 141 9.67 2.81 2.30
C TRP B 141 10.57 2.07 1.32
N GLY B 142 10.19 2.05 0.08
CA GLY B 142 10.89 1.42 -1.03
C GLY B 142 11.78 2.41 -1.76
N ASN B 143 12.34 1.94 -2.85
CA ASN B 143 13.29 2.69 -3.64
C ASN B 143 12.73 4.08 -3.97
N LEU B 144 13.69 4.99 -3.96
CA LEU B 144 13.51 6.37 -4.41
C LEU B 144 13.86 6.46 -5.90
N LYS B 145 14.46 5.44 -6.47
CA LYS B 145 14.83 5.41 -7.86
C LYS B 145 14.77 3.93 -8.28
N GLU B 146 14.52 3.86 -9.58
CA GLU B 146 14.54 2.55 -10.29
C GLU B 146 15.97 2.03 -10.10
N THR B 147 16.12 0.74 -9.90
CA THR B 147 17.48 0.19 -9.62
C THR B 147 18.38 0.43 -10.81
N TRP B 148 19.56 1.07 -10.62
CA TRP B 148 20.40 1.50 -11.77
C TRP B 148 21.86 1.37 -11.45
N THR B 149 22.71 1.12 -12.47
CA THR B 149 24.13 1.02 -12.03
C THR B 149 24.67 2.43 -11.82
N ALA B 150 24.30 3.26 -12.72
CA ALA B 150 24.66 4.60 -12.98
C ALA B 150 24.08 5.60 -12.01
N ASN B 151 23.19 5.08 -11.17
CA ASN B 151 22.57 6.00 -10.21
C ASN B 151 23.48 6.20 -9.02
N VAL B 152 23.60 7.50 -8.71
CA VAL B 152 24.42 7.87 -7.56
C VAL B 152 23.49 8.44 -6.49
N GLY B 153 23.81 8.12 -5.24
CA GLY B 153 23.05 8.68 -4.09
C GLY B 153 22.43 7.51 -3.35
N LYS B 154 21.87 7.88 -2.20
CA LYS B 154 21.21 6.80 -1.40
C LYS B 154 19.80 6.61 -1.94
N GLY B 155 19.53 5.33 -2.22
CA GLY B 155 18.29 4.89 -2.84
C GLY B 155 17.18 4.61 -1.90
N GLN B 156 17.56 4.47 -0.63
CA GLN B 156 16.46 4.13 0.35
C GLN B 156 16.11 5.41 1.09
N PRO B 157 14.80 5.55 1.25
CA PRO B 157 14.20 6.65 1.99
C PRO B 157 14.39 6.56 3.50
N SER B 158 14.83 7.65 4.13
CA SER B 158 14.97 7.57 5.61
C SER B 158 13.61 7.43 6.28
N VAL B 159 12.71 8.24 5.82
CA VAL B 159 11.31 8.31 6.33
C VAL B 159 10.35 7.72 5.35
N LEU B 160 9.10 7.50 5.62
CA LEU B 160 8.13 6.95 4.69
C LEU B 160 7.82 8.01 3.62
N GLN B 161 7.85 7.61 2.35
CA GLN B 161 7.48 8.63 1.33
C GLN B 161 6.01 8.46 0.99
N VAL B 162 5.55 9.58 0.48
CA VAL B 162 4.13 9.77 0.02
C VAL B 162 4.15 10.31 -1.42
N VAL B 163 3.47 9.76 -2.35
CA VAL B 163 3.32 10.21 -3.72
C VAL B 163 1.81 10.14 -4.09
N ASN B 164 1.36 11.12 -4.87
CA ASN B 164 -0.04 11.27 -5.33
C ASN B 164 -0.08 11.16 -6.89
N LEU B 165 -0.74 10.08 -7.29
CA LEU B 165 -0.85 9.64 -8.68
C LEU B 165 -2.33 9.43 -9.05
N PRO B 166 -2.63 10.01 -10.22
CA PRO B 166 -3.97 9.95 -10.79
C PRO B 166 -4.18 8.57 -11.46
N ILE B 167 -5.43 8.19 -11.37
CA ILE B 167 -5.96 6.95 -11.97
C ILE B 167 -5.97 7.09 -13.50
N VAL B 168 -5.45 6.09 -14.20
CA VAL B 168 -5.39 6.11 -15.68
C VAL B 168 -6.48 5.17 -16.21
N GLU B 169 -6.86 5.34 -17.45
CA GLU B 169 -7.79 4.62 -18.26
C GLU B 169 -7.06 3.32 -18.69
N ARG B 170 -7.89 2.31 -18.47
CA ARG B 170 -7.56 0.92 -18.86
C ARG B 170 -6.74 0.87 -20.18
N PRO B 171 -7.42 1.42 -21.18
CA PRO B 171 -6.97 1.41 -22.56
C PRO B 171 -5.53 1.82 -22.65
N VAL B 172 -5.38 2.96 -21.97
CA VAL B 172 -4.06 3.65 -21.84
C VAL B 172 -3.04 2.80 -21.06
N CYS B 173 -3.53 2.25 -19.95
CA CYS B 173 -2.86 1.25 -19.13
C CYS B 173 -2.54 0.05 -20.07
N LYS B 174 -3.58 -0.32 -20.83
CA LYS B 174 -3.47 -1.43 -21.79
C LYS B 174 -2.45 -1.17 -22.89
N ASP B 175 -2.55 -0.02 -23.49
CA ASP B 175 -1.59 0.31 -24.60
C ASP B 175 -0.17 0.57 -24.10
N SER B 176 0.12 0.55 -22.84
CA SER B 176 1.41 0.93 -22.29
C SER B 176 2.38 -0.20 -22.15
N THR B 177 1.89 -1.37 -21.95
CA THR B 177 2.67 -2.61 -21.62
C THR B 177 2.17 -3.71 -22.54
N ARG B 178 3.03 -4.65 -22.80
CA ARG B 178 2.84 -5.89 -23.55
C ARG B 178 2.44 -6.97 -22.55
N ILE B 179 2.27 -6.61 -21.29
CA ILE B 179 1.75 -7.52 -20.28
C ILE B 179 0.24 -7.60 -20.40
N ARG B 180 -0.24 -8.84 -20.20
CA ARG B 180 -1.70 -9.07 -20.11
C ARG B 180 -2.17 -8.35 -18.82
N ILE B 181 -2.93 -7.29 -19.03
CA ILE B 181 -3.65 -6.59 -17.94
C ILE B 181 -5.05 -7.25 -17.74
N THR B 182 -5.46 -7.11 -16.47
CA THR B 182 -6.76 -7.63 -16.02
C THR B 182 -7.44 -6.65 -15.08
N ASP B 183 -8.68 -6.97 -14.79
CA ASP B 183 -9.61 -6.16 -13.98
C ASP B 183 -9.36 -6.19 -12.48
N ASN B 184 -8.42 -7.03 -12.15
CA ASN B 184 -7.94 -7.30 -10.83
C ASN B 184 -6.86 -6.28 -10.47
N MET B 185 -6.46 -5.61 -11.52
CA MET B 185 -5.43 -4.55 -11.43
C MET B 185 -5.93 -3.26 -12.08
N PHE B 186 -5.19 -2.18 -11.89
CA PHE B 186 -5.37 -0.80 -12.32
C PHE B 186 -3.96 -0.14 -12.37
N CYS B 187 -3.94 1.02 -12.96
CA CYS B 187 -2.75 1.81 -13.18
C CYS B 187 -3.01 3.24 -12.74
N ALA B 188 -1.99 3.85 -12.20
CA ALA B 188 -1.96 5.23 -11.70
C ALA B 188 -0.64 5.86 -12.14
N GLY B 189 -0.62 7.15 -12.46
CA GLY B 189 0.57 7.87 -12.89
C GLY B 189 0.25 8.92 -13.99
N TYR B 190 1.22 9.85 -14.13
CA TYR B 190 1.23 10.94 -15.03
C TYR B 190 1.48 10.51 -16.48
N LYS B 191 0.49 10.92 -17.28
CA LYS B 191 0.55 10.75 -18.73
C LYS B 191 1.57 11.75 -19.26
N PRO B 192 2.17 11.26 -20.32
CA PRO B 192 3.29 11.97 -20.98
C PRO B 192 3.12 13.47 -21.14
N ASP B 193 1.94 13.83 -21.55
CA ASP B 193 1.44 15.16 -21.87
C ASP B 193 1.45 16.01 -20.60
N GLU B 194 1.39 15.30 -19.49
CA GLU B 194 1.45 15.89 -18.18
C GLU B 194 2.83 16.22 -17.62
N GLY B 195 3.94 15.72 -18.16
CA GLY B 195 5.30 16.03 -17.75
C GLY B 195 5.54 16.19 -16.25
N LYS B 196 5.11 15.15 -15.51
CA LYS B 196 5.18 15.17 -14.02
C LYS B 196 5.85 13.92 -13.56
N ARG B 197 6.23 13.67 -12.30
CA ARG B 197 7.00 12.48 -11.85
C ARG B 197 6.44 11.84 -10.63
N GLY B 198 6.93 10.68 -10.26
CA GLY B 198 6.44 10.10 -8.95
C GLY B 198 5.82 8.75 -9.32
N ASP B 199 6.18 7.70 -8.65
CA ASP B 199 5.69 6.33 -8.92
C ASP B 199 6.06 5.60 -7.61
N ALA B 200 5.63 4.38 -7.47
CA ALA B 200 6.07 3.56 -6.31
C ALA B 200 7.26 2.81 -6.93
N CYS B 201 7.86 1.98 -6.10
CA CYS B 201 9.02 1.22 -6.68
C CYS B 201 9.27 -0.05 -5.92
N GLU B 202 10.32 -0.69 -6.42
CA GLU B 202 10.76 -2.01 -5.83
C GLU B 202 10.80 -1.74 -4.36
N GLY B 203 10.07 -2.52 -3.58
CA GLY B 203 9.93 -2.43 -2.14
C GLY B 203 8.71 -1.75 -1.57
N ASP B 204 8.00 -1.01 -2.38
CA ASP B 204 6.75 -0.32 -2.13
C ASP B 204 5.58 -1.33 -2.16
N SER B 205 5.60 -2.35 -2.98
CA SER B 205 4.55 -3.35 -3.16
C SER B 205 3.94 -3.81 -1.84
N GLY B 206 2.66 -4.19 -1.84
CA GLY B 206 2.00 -4.62 -0.59
C GLY B 206 1.22 -3.47 0.05
N GLY B 207 1.70 -2.28 -0.23
CA GLY B 207 1.30 -0.96 0.14
C GLY B 207 0.04 -0.43 -0.48
N PRO B 208 -0.69 0.33 0.33
CA PRO B 208 -1.95 0.92 -0.06
C PRO B 208 -1.84 2.02 -1.09
N PHE B 209 -2.96 2.07 -1.77
CA PHE B 209 -3.30 3.11 -2.78
C PHE B 209 -4.62 3.62 -2.18
N VAL B 210 -4.63 4.74 -1.53
CA VAL B 210 -5.81 5.25 -0.85
C VAL B 210 -6.32 6.51 -1.51
N MET B 211 -7.64 6.69 -1.38
CA MET B 211 -8.31 7.92 -1.91
C MET B 211 -9.19 8.51 -0.83
N LYS B 212 -9.29 9.81 -0.76
CA LYS B 212 -10.13 10.35 0.34
C LYS B 212 -11.48 10.64 -0.30
N SER B 213 -12.51 10.22 0.40
CA SER B 213 -13.92 10.42 -0.09
C SER B 213 -14.53 11.74 0.38
N PRO B 214 -14.89 12.59 -0.57
CA PRO B 214 -15.59 13.85 -0.26
C PRO B 214 -16.89 13.53 0.48
N PHE B 215 -17.50 12.45 0.09
CA PHE B 215 -18.74 11.77 0.41
C PHE B 215 -19.05 11.67 1.86
N ASN B 216 -17.99 11.44 2.64
CA ASN B 216 -18.09 11.22 4.08
C ASN B 216 -16.78 11.41 4.82
N ASN B 217 -15.77 11.93 4.18
CA ASN B 217 -14.51 12.23 4.93
C ASN B 217 -13.57 11.13 5.35
N ARG B 218 -13.66 9.94 4.83
CA ARG B 218 -12.76 8.81 5.14
C ARG B 218 -11.85 8.47 3.99
N TRP B 219 -10.81 7.77 4.41
CA TRP B 219 -9.69 7.30 3.55
C TRP B 219 -10.01 5.81 3.31
N TYR B 220 -9.93 5.49 2.01
CA TYR B 220 -10.25 4.12 1.57
C TYR B 220 -9.07 3.61 0.74
N GLN B 221 -8.86 2.33 0.97
CA GLN B 221 -7.81 1.60 0.25
C GLN B 221 -8.44 1.07 -1.05
N MET B 222 -7.96 1.60 -2.15
CA MET B 222 -8.23 1.37 -3.51
C MET B 222 -7.38 0.31 -4.21
N GLY B 223 -6.08 0.32 -4.03
CA GLY B 223 -5.13 -0.61 -4.73
C GLY B 223 -4.01 -0.98 -3.74
N ILE B 224 -3.35 -2.06 -4.06
CA ILE B 224 -2.23 -2.67 -3.33
C ILE B 224 -1.06 -2.43 -4.30
N VAL B 225 0.12 -2.12 -3.79
CA VAL B 225 1.23 -1.92 -4.76
C VAL B 225 1.59 -3.31 -5.33
N SER B 226 1.49 -3.34 -6.66
CA SER B 226 1.76 -4.56 -7.37
C SER B 226 3.11 -4.71 -8.09
N TRP B 227 3.10 -4.19 -9.30
CA TRP B 227 4.17 -4.33 -10.23
C TRP B 227 4.25 -3.19 -11.24
N GLY B 228 5.20 -3.41 -12.16
CA GLY B 228 5.52 -2.47 -13.23
C GLY B 228 6.78 -2.93 -13.96
N GLU B 229 7.26 -2.08 -14.79
CA GLU B 229 8.42 -2.15 -15.67
C GLU B 229 9.12 -0.76 -15.56
N GLY B 230 10.20 -0.87 -14.75
CA GLY B 230 11.07 0.31 -14.43
C GLY B 230 10.28 0.96 -13.28
N CYS B 231 10.75 2.09 -12.85
CA CYS B 231 10.15 2.95 -11.82
C CYS B 231 10.29 4.38 -12.38
N ASP B 232 9.16 5.00 -12.42
CA ASP B 232 9.08 6.40 -12.91
C ASP B 232 9.50 6.46 -14.38
N ARG B 233 9.27 5.41 -15.14
CA ARG B 233 9.66 5.36 -16.54
C ARG B 233 8.84 6.29 -17.42
N ASP B 234 9.38 6.78 -18.53
CA ASP B 234 8.62 7.68 -19.43
C ASP B 234 7.59 6.78 -20.17
N GLY B 235 6.34 7.17 -20.14
CA GLY B 235 5.36 6.32 -20.87
C GLY B 235 4.87 5.11 -20.09
N LYS B 236 5.38 4.81 -18.90
CA LYS B 236 4.96 3.63 -18.14
C LYS B 236 4.06 3.99 -16.99
N TYR B 237 3.25 3.16 -16.41
CA TYR B 237 2.36 3.41 -15.29
C TYR B 237 2.49 2.29 -14.24
N GLY B 238 2.12 2.64 -12.99
CA GLY B 238 2.22 1.63 -11.91
C GLY B 238 0.93 0.82 -11.95
N PHE B 239 1.06 -0.41 -11.47
CA PHE B 239 -0.08 -1.33 -11.49
C PHE B 239 -0.48 -1.74 -10.08
N TYR B 240 -1.74 -1.41 -9.81
CA TYR B 240 -2.33 -1.67 -8.50
C TYR B 240 -3.29 -2.82 -8.49
N THR B 241 -3.29 -3.62 -7.44
CA THR B 241 -4.24 -4.63 -7.11
C THR B 241 -5.51 -3.82 -6.66
N HIS B 242 -6.48 -3.97 -7.51
CA HIS B 242 -7.82 -3.41 -7.39
C HIS B 242 -8.57 -4.12 -6.26
N VAL B 243 -8.52 -3.56 -5.09
CA VAL B 243 -9.07 -4.06 -3.82
C VAL B 243 -10.55 -4.45 -3.94
N PHE B 244 -11.36 -3.52 -4.47
CA PHE B 244 -12.81 -3.72 -4.55
C PHE B 244 -13.19 -4.94 -5.39
N ARG B 245 -12.64 -5.05 -6.60
CA ARG B 245 -13.00 -6.18 -7.45
C ARG B 245 -12.80 -7.43 -6.64
N LEU B 246 -11.85 -7.43 -5.74
CA LEU B 246 -11.40 -8.57 -4.94
C LEU B 246 -11.88 -8.61 -3.52
N LYS B 247 -12.84 -7.76 -3.18
CA LYS B 247 -13.34 -7.57 -1.82
C LYS B 247 -14.07 -8.71 -1.14
N LYS B 248 -14.76 -9.49 -1.98
CA LYS B 248 -15.57 -10.61 -1.46
C LYS B 248 -14.69 -11.75 -0.99
N TRP B 249 -13.46 -11.82 -1.52
CA TRP B 249 -12.56 -12.89 -1.04
C TRP B 249 -12.16 -12.39 0.37
N ILE B 250 -11.87 -11.09 0.31
CA ILE B 250 -11.47 -10.43 1.53
C ILE B 250 -12.45 -10.59 2.68
N GLN B 251 -13.71 -10.32 2.41
CA GLN B 251 -14.73 -10.36 3.46
C GLN B 251 -14.95 -11.80 3.90
N LYS B 252 -14.94 -12.76 3.04
CA LYS B 252 -15.19 -14.19 3.21
C LYS B 252 -14.29 -14.81 4.26
N VAL B 253 -13.01 -14.41 4.09
CA VAL B 253 -11.92 -14.86 5.00
C VAL B 253 -12.04 -14.23 6.39
N ILE B 254 -12.03 -12.91 6.45
CA ILE B 254 -12.14 -12.15 7.68
C ILE B 254 -13.31 -12.74 8.45
N ASP B 255 -14.32 -13.13 7.73
CA ASP B 255 -15.58 -13.60 8.29
C ASP B 255 -15.49 -14.94 9.03
N GLN B 256 -15.33 -15.98 8.26
CA GLN B 256 -15.29 -17.33 8.84
C GLN B 256 -13.93 -17.56 9.52
N PHE B 257 -13.03 -16.63 9.30
CA PHE B 257 -11.70 -16.74 9.85
C PHE B 257 -11.44 -15.95 11.09
N GLY B 258 -12.12 -14.85 11.35
CA GLY B 258 -11.80 -14.04 12.56
C GLY B 258 -12.75 -12.88 12.80
N GLU B 259 -12.10 -11.71 12.94
CA GLU B 259 -12.89 -10.49 13.19
C GLU B 259 -13.03 -9.74 11.86
N ASP C 1 21.95 -0.97 8.46
CA ASP C 1 20.67 -0.59 7.87
C ASP C 1 19.47 -0.53 8.80
N PHE C 2 19.17 -1.62 9.46
CA PHE C 2 18.05 -1.61 10.38
C PHE C 2 18.50 -1.76 11.82
N GLU C 3 18.13 -0.67 12.50
CA GLU C 3 18.38 -0.67 13.94
C GLU C 3 17.73 -1.97 14.48
N GLU C 4 18.50 -2.55 15.38
CA GLU C 4 18.05 -3.79 16.04
C GLU C 4 16.70 -3.49 16.68
N ILE C 5 15.90 -4.53 16.78
CA ILE C 5 14.60 -4.47 17.49
C ILE C 5 14.69 -5.48 18.64
N PRO C 6 13.92 -5.27 19.70
CA PRO C 6 13.80 -6.22 20.79
C PRO C 6 13.68 -7.66 20.31
N GLU C 7 14.70 -8.40 20.66
CA GLU C 7 14.94 -9.80 20.33
C GLU C 7 13.94 -10.58 21.18
N GLU C 8 12.73 -10.11 21.14
CA GLU C 8 11.60 -10.64 21.89
C GLU C 8 10.47 -10.77 20.84
N TYS C 9 10.64 -10.00 19.79
CA TYS C 9 9.83 -9.94 18.59
CB TYS C 9 9.99 -8.55 17.87
CG TYS C 9 9.41 -7.51 18.77
CD1 TYS C 9 8.10 -7.74 19.21
CD2 TYS C 9 10.10 -6.39 19.20
CE1 TYS C 9 7.44 -6.87 20.06
CE2 TYS C 9 9.48 -5.50 20.10
CZ TYS C 9 8.19 -5.80 20.54
OH TYS C 9 7.56 -4.91 21.37
S TYS C 9 7.03 -3.47 20.75
O1 TYS C 9 8.17 -3.04 19.92
O2 TYS C 9 5.81 -3.69 20.07
O3 TYS C 9 6.96 -2.61 21.96
C TYS C 9 10.51 -10.97 17.65
O TYS C 9 9.90 -11.61 16.79
N LEU C 10 11.83 -10.94 17.88
CA LEU C 10 12.69 -11.89 17.17
C LEU C 10 12.72 -13.16 18.07
N ARG D 1 6.61 -4.98 -6.22
CA ARG D 1 6.75 -4.11 -7.40
C ARG D 1 7.66 -4.69 -8.47
N PRO D 2 7.37 -5.89 -9.00
CA PRO D 2 8.21 -6.56 -9.99
C PRO D 2 8.08 -6.05 -11.39
N PRO D 3 9.24 -5.80 -11.99
CA PRO D 3 9.36 -5.46 -13.42
C PRO D 3 9.21 -6.77 -14.26
N GLY D 4 8.70 -6.51 -15.48
CA GLY D 4 8.47 -7.53 -16.51
C GLY D 4 9.70 -7.53 -17.44
#